data_2CJL
#
_entry.id   2CJL
#
_cell.length_a   48.671
_cell.length_b   74.378
_cell.length_c   64.179
_cell.angle_alpha   90.00
_cell.angle_beta   108.57
_cell.angle_gamma   90.00
#
_symmetry.space_group_name_H-M   'P 1 21 1'
#
loop_
_entity.id
_entity.type
_entity.pdbx_description
1 polymer 'SECRETED CHITINASE'
2 non-polymer 'ZINC ION'
3 water water
#
_entity_poly.entity_id   1
_entity_poly.type   'polypeptide(L)'
_entity_poly.pdbx_seq_one_letter_code
;FVVSEAQFDQMFPSRNSFYTYSGLTAALSAYPGFSNTGSDTVKKQEAAAFLANVGHETGGLVYVVEQNTANYPHYCDASQ
PYGCPAGNDKYYGRGPVQLSWNFNYKAAGDALGIDLLNNPDLVQNDSAVAWKTGLWYWNTQTGPGTMTPHDAMVNGAGFG
ETIRSINGSLECDGGNPGQVQSRIDNYERFTQLLGVEPGGNLSC
;
_entity_poly.pdbx_strand_id   A,B
#
# COMPACT_ATOMS: atom_id res chain seq x y z
N PHE A 1 -37.53 -32.05 7.64
CA PHE A 1 -36.40 -31.44 8.42
C PHE A 1 -35.18 -32.37 8.35
N VAL A 2 -34.01 -31.78 8.05
CA VAL A 2 -32.77 -32.55 7.87
C VAL A 2 -32.20 -33.14 9.17
N VAL A 3 -32.83 -32.81 10.29
CA VAL A 3 -32.57 -33.47 11.56
C VAL A 3 -33.81 -34.27 11.92
N SER A 4 -33.66 -35.59 11.99
CA SER A 4 -34.77 -36.45 12.35
C SER A 4 -35.02 -36.41 13.85
N GLU A 5 -36.16 -36.95 14.26
CA GLU A 5 -36.48 -37.04 15.69
C GLU A 5 -35.43 -37.85 16.44
N ALA A 6 -35.00 -38.96 15.83
CA ALA A 6 -34.01 -39.82 16.50
C ALA A 6 -32.66 -39.11 16.63
N GLN A 7 -32.31 -38.31 15.63
CA GLN A 7 -31.07 -37.51 15.71
C GLN A 7 -31.17 -36.44 16.80
N PHE A 8 -32.29 -35.74 16.84
CA PHE A 8 -32.51 -34.71 17.85
C PHE A 8 -32.42 -35.33 19.25
N ASP A 9 -32.99 -36.51 19.40
CA ASP A 9 -32.97 -37.22 20.68
C ASP A 9 -31.54 -37.50 21.16
N GLN A 10 -30.67 -37.89 20.23
CA GLN A 10 -29.28 -38.20 20.52
C GLN A 10 -28.46 -36.94 20.79
N MET A 11 -28.84 -35.85 20.13
CA MET A 11 -28.17 -34.56 20.31
C MET A 11 -28.34 -33.97 21.71
N PHE A 12 -29.50 -34.22 22.34
CA PHE A 12 -29.85 -33.59 23.61
C PHE A 12 -30.39 -34.62 24.62
N PRO A 13 -29.53 -35.55 25.06
CA PRO A 13 -30.04 -36.64 25.92
C PRO A 13 -30.41 -36.24 27.34
N SER A 14 -30.00 -35.04 27.78
CA SER A 14 -30.29 -34.58 29.14
C SER A 14 -31.40 -33.53 29.17
N ARG A 15 -32.02 -33.28 28.02
CA ARG A 15 -32.94 -32.14 27.89
C ARG A 15 -34.12 -32.12 28.84
N ASN A 16 -34.50 -30.92 29.24
CA ASN A 16 -35.78 -30.68 29.90
C ASN A 16 -36.87 -31.12 28.94
N SER A 17 -37.85 -31.87 29.44
CA SER A 17 -38.88 -32.41 28.57
C SER A 17 -39.74 -31.28 27.95
N PHE A 18 -39.63 -30.06 28.48
CA PHE A 18 -40.26 -28.88 27.83
C PHE A 18 -39.90 -28.80 26.35
N TYR A 19 -38.62 -29.05 26.05
CA TYR A 19 -38.12 -28.85 24.69
C TYR A 19 -38.43 -30.06 23.82
N THR A 20 -39.46 -29.91 23.00
CA THR A 20 -39.95 -31.01 22.18
C THR A 20 -39.49 -30.89 20.73
N TYR A 21 -39.24 -32.04 20.09
CA TYR A 21 -38.93 -32.08 18.66
C TYR A 21 -40.13 -31.55 17.86
N SER A 22 -41.34 -31.88 18.29
CA SER A 22 -42.55 -31.38 17.63
C SER A 22 -42.69 -29.86 17.71
N GLY A 23 -42.26 -29.27 18.82
CA GLY A 23 -42.23 -27.81 18.94
C GLY A 23 -41.27 -27.19 17.94
N LEU A 24 -40.10 -27.82 17.79
CA LEU A 24 -39.12 -27.35 16.83
C LEU A 24 -39.64 -27.44 15.39
N THR A 25 -40.21 -28.58 15.04
CA THR A 25 -40.74 -28.75 13.69
C THR A 25 -41.89 -27.78 13.41
N ALA A 26 -42.70 -27.49 14.43
CA ALA A 26 -43.78 -26.49 14.29
C ALA A 26 -43.22 -25.09 14.01
N ALA A 27 -42.05 -24.81 14.57
CA ALA A 27 -41.41 -23.50 14.45
C ALA A 27 -40.82 -23.21 13.06
N LEU A 28 -40.48 -24.28 12.35
CA LEU A 28 -39.76 -24.17 11.09
C LEU A 28 -40.47 -23.32 10.06
N SER A 29 -41.81 -23.40 10.04
CA SER A 29 -42.59 -22.62 9.07
C SER A 29 -42.41 -21.10 9.16
N ALA A 30 -41.96 -20.60 10.32
CA ALA A 30 -41.70 -19.17 10.47
C ALA A 30 -40.50 -18.72 9.61
N TYR A 31 -39.57 -19.65 9.37
CA TYR A 31 -38.37 -19.37 8.60
C TYR A 31 -38.10 -20.52 7.65
N PRO A 32 -38.86 -20.58 6.55
CA PRO A 32 -38.77 -21.70 5.60
C PRO A 32 -37.41 -21.88 4.93
N GLY A 33 -36.57 -20.84 4.93
CA GLY A 33 -35.22 -20.90 4.39
C GLY A 33 -34.24 -21.59 5.33
N PHE A 34 -34.63 -21.71 6.60
CA PHE A 34 -33.73 -22.25 7.61
C PHE A 34 -33.51 -23.74 7.40
N SER A 35 -32.23 -24.12 7.28
CA SER A 35 -31.82 -25.51 7.01
C SER A 35 -32.48 -26.01 5.71
N ASN A 36 -32.77 -25.08 4.81
CA ASN A 36 -33.42 -25.40 3.53
C ASN A 36 -32.87 -24.56 2.38
N THR A 37 -31.67 -24.02 2.60
CA THR A 37 -30.99 -23.17 1.62
C THR A 37 -29.61 -23.75 1.31
N GLY A 38 -29.32 -23.90 0.03
CA GLY A 38 -28.05 -24.47 -0.44
C GLY A 38 -28.11 -25.99 -0.56
N SER A 39 -26.93 -26.62 -0.65
CA SER A 39 -26.86 -28.08 -0.74
C SER A 39 -27.31 -28.75 0.54
N ASP A 40 -27.64 -30.04 0.46
CA ASP A 40 -27.95 -30.83 1.66
C ASP A 40 -26.83 -30.76 2.71
N THR A 41 -25.58 -30.62 2.25
CA THR A 41 -24.45 -30.42 3.16
C THR A 41 -24.61 -29.13 3.97
N VAL A 42 -24.90 -28.04 3.28
CA VAL A 42 -25.09 -26.75 3.93
C VAL A 42 -26.31 -26.79 4.85
N LYS A 43 -27.38 -27.44 4.42
CA LYS A 43 -28.61 -27.53 5.23
C LYS A 43 -28.30 -28.20 6.56
N LYS A 44 -27.53 -29.28 6.50
CA LYS A 44 -27.18 -30.04 7.70
C LYS A 44 -26.16 -29.29 8.57
N GLN A 45 -25.21 -28.60 7.93
CA GLN A 45 -24.26 -27.76 8.68
C GLN A 45 -25.03 -26.67 9.42
N GLU A 46 -25.99 -26.05 8.75
CA GLU A 46 -26.78 -24.99 9.39
C GLU A 46 -27.56 -25.53 10.60
N ALA A 47 -28.26 -26.66 10.38
CA ALA A 47 -29.05 -27.25 11.47
C ALA A 47 -28.14 -27.60 12.64
N ALA A 48 -26.99 -28.21 12.35
CA ALA A 48 -26.06 -28.59 13.42
C ALA A 48 -25.53 -27.38 14.15
N ALA A 49 -25.24 -26.32 13.41
CA ALA A 49 -24.73 -25.07 13.99
C ALA A 49 -25.75 -24.43 14.91
N PHE A 50 -27.00 -24.35 14.46
CA PHE A 50 -28.08 -23.82 15.31
C PHE A 50 -28.20 -24.63 16.58
N LEU A 51 -28.28 -25.95 16.43
CA LEU A 51 -28.52 -26.79 17.61
C LEU A 51 -27.30 -26.84 18.56
N ALA A 52 -26.08 -26.74 18.01
CA ALA A 52 -24.88 -26.68 18.86
C ALA A 52 -24.87 -25.39 19.72
N ASN A 53 -25.15 -24.27 19.07
CA ASN A 53 -25.29 -22.99 19.79
C ASN A 53 -26.37 -23.04 20.85
N VAL A 54 -27.52 -23.62 20.50
CA VAL A 54 -28.60 -23.80 21.47
C VAL A 54 -28.13 -24.67 22.66
N GLY A 55 -27.40 -25.75 22.36
CA GLY A 55 -26.86 -26.60 23.44
C GLY A 55 -25.95 -25.81 24.38
N HIS A 56 -25.12 -24.97 23.80
CA HIS A 56 -24.23 -24.17 24.63
C HIS A 56 -24.97 -23.21 25.56
N GLU A 57 -26.00 -22.55 25.02
CA GLU A 57 -26.68 -21.49 25.75
C GLU A 57 -27.64 -21.96 26.83
N THR A 58 -28.06 -23.22 26.70
CA THR A 58 -29.07 -23.75 27.61
C THR A 58 -28.61 -24.97 28.41
N GLY A 59 -27.32 -25.32 28.36
CA GLY A 59 -26.86 -26.53 29.03
C GLY A 59 -27.47 -27.79 28.46
N GLY A 60 -27.32 -27.99 27.15
CA GLY A 60 -27.88 -29.19 26.53
C GLY A 60 -29.40 -29.23 26.63
N LEU A 61 -30.03 -28.05 26.59
CA LEU A 61 -31.50 -27.93 26.77
C LEU A 61 -32.01 -28.36 28.16
N VAL A 62 -31.11 -28.46 29.14
CA VAL A 62 -31.55 -28.73 30.52
C VAL A 62 -32.33 -27.53 31.10
N TYR A 63 -31.94 -26.32 30.67
CA TYR A 63 -32.51 -25.09 31.24
C TYR A 63 -33.41 -24.36 30.26
N VAL A 64 -34.54 -23.85 30.79
CA VAL A 64 -35.47 -23.02 30.03
C VAL A 64 -35.24 -21.54 30.34
N VAL A 65 -35.03 -21.23 31.62
CA VAL A 65 -34.86 -19.82 32.03
C VAL A 65 -33.45 -19.55 32.53
N GLU A 66 -33.07 -18.28 32.40
CA GLU A 66 -31.79 -17.79 32.86
C GLU A 66 -31.62 -18.14 34.34
N GLN A 67 -30.47 -18.73 34.71
CA GLN A 67 -30.33 -19.28 36.07
C GLN A 67 -29.87 -18.25 37.10
N ASN A 68 -29.15 -17.23 36.65
CA ASN A 68 -28.73 -16.17 37.57
C ASN A 68 -29.83 -15.14 37.80
N THR A 69 -30.63 -15.40 38.83
CA THR A 69 -31.82 -14.60 39.11
C THR A 69 -31.49 -13.16 39.52
N ALA A 70 -30.28 -12.95 40.04
CA ALA A 70 -29.81 -11.61 40.41
C ALA A 70 -29.82 -10.65 39.21
N ASN A 71 -29.63 -11.21 38.02
CA ASN A 71 -29.60 -10.42 36.79
C ASN A 71 -30.98 -10.03 36.23
N TYR A 72 -32.06 -10.60 36.78
CA TYR A 72 -33.41 -10.40 36.21
C TYR A 72 -33.80 -8.92 35.98
N PRO A 73 -33.63 -8.05 37.01
CA PRO A 73 -34.06 -6.66 36.79
C PRO A 73 -33.20 -5.88 35.79
N HIS A 74 -32.11 -6.48 35.33
CA HIS A 74 -31.17 -5.86 34.40
C HIS A 74 -31.67 -5.65 32.95
N TYR A 75 -32.67 -6.42 32.52
CA TYR A 75 -33.02 -6.47 31.09
C TYR A 75 -34.16 -5.53 30.67
N CYS A 76 -34.38 -4.51 31.48
CA CYS A 76 -35.35 -3.49 31.13
C CYS A 76 -34.65 -2.23 30.61
N ASP A 77 -34.74 -2.02 29.30
CA ASP A 77 -34.27 -0.78 28.68
C ASP A 77 -35.40 0.24 28.84
N ALA A 78 -35.27 1.07 29.87
CA ALA A 78 -36.31 2.02 30.23
C ALA A 78 -36.44 3.20 29.27
N SER A 79 -35.54 3.31 28.29
CA SER A 79 -35.60 4.37 27.27
C SER A 79 -36.65 4.09 26.19
N GLN A 80 -37.11 2.85 26.13
CA GLN A 80 -38.11 2.49 25.14
C GLN A 80 -39.46 3.10 25.50
N PRO A 81 -40.13 3.74 24.52
CA PRO A 81 -41.43 4.37 24.80
C PRO A 81 -42.46 3.38 25.31
N TYR A 82 -42.32 2.12 24.90
CA TYR A 82 -43.24 1.04 25.31
C TYR A 82 -42.85 0.38 26.64
N GLY A 83 -41.67 0.73 27.13
CA GLY A 83 -41.22 0.31 28.45
C GLY A 83 -41.15 -1.19 28.65
N CYS A 84 -41.52 -1.61 29.85
CA CYS A 84 -41.39 -3.00 30.31
C CYS A 84 -42.70 -3.42 30.97
N PRO A 85 -43.79 -3.50 30.18
CA PRO A 85 -45.14 -3.63 30.75
C PRO A 85 -45.39 -4.90 31.58
N ALA A 86 -44.69 -5.99 31.28
CA ALA A 86 -44.80 -7.20 32.09
C ALA A 86 -44.11 -7.06 33.45
N GLY A 87 -43.22 -6.07 33.57
CA GLY A 87 -42.40 -5.89 34.77
C GLY A 87 -40.94 -5.65 34.43
N ASN A 88 -40.26 -4.85 35.26
CA ASN A 88 -38.86 -4.53 35.03
C ASN A 88 -37.92 -5.74 35.03
N ASP A 89 -38.34 -6.78 35.75
CA ASP A 89 -37.53 -7.99 35.92
C ASP A 89 -38.08 -9.20 35.17
N LYS A 90 -38.89 -8.96 34.14
CA LYS A 90 -39.55 -10.05 33.42
C LYS A 90 -39.05 -10.29 31.98
N TYR A 91 -37.89 -9.74 31.64
CA TYR A 91 -37.32 -9.86 30.28
C TYR A 91 -35.97 -10.57 30.28
N TYR A 92 -35.82 -11.44 31.28
CA TYR A 92 -34.66 -12.32 31.41
C TYR A 92 -34.65 -13.40 30.35
N GLY A 93 -33.52 -14.10 30.25
CA GLY A 93 -33.33 -15.14 29.25
C GLY A 93 -34.32 -16.28 29.32
N ARG A 94 -34.90 -16.59 28.17
CA ARG A 94 -35.83 -17.72 28.06
C ARG A 94 -35.62 -18.45 26.74
N GLY A 95 -35.73 -19.77 26.79
CA GLY A 95 -35.76 -20.59 25.57
C GLY A 95 -34.40 -20.85 24.95
N PRO A 96 -34.40 -21.42 23.73
CA PRO A 96 -33.17 -21.95 23.14
C PRO A 96 -32.02 -20.97 22.91
N VAL A 97 -32.32 -19.68 22.65
CA VAL A 97 -31.26 -18.68 22.52
C VAL A 97 -31.26 -17.73 23.70
N GLN A 98 -32.00 -18.06 24.74
CA GLN A 98 -32.03 -17.22 25.95
C GLN A 98 -32.36 -15.77 25.60
N LEU A 99 -33.48 -15.62 24.89
CA LEU A 99 -33.99 -14.31 24.49
C LEU A 99 -34.13 -13.40 25.72
N SER A 100 -33.53 -12.21 25.63
CA SER A 100 -33.40 -11.26 26.73
C SER A 100 -33.63 -9.84 26.22
N TRP A 101 -34.11 -8.97 27.12
CA TRP A 101 -34.36 -7.53 26.90
C TRP A 101 -35.75 -7.22 26.35
N ASN A 102 -36.41 -6.23 26.95
CA ASN A 102 -37.70 -5.80 26.44
C ASN A 102 -37.69 -5.50 24.94
N PHE A 103 -36.64 -4.86 24.42
CA PHE A 103 -36.62 -4.51 23.00
C PHE A 103 -36.52 -5.75 22.09
N ASN A 104 -35.94 -6.83 22.59
CA ASN A 104 -35.87 -8.07 21.81
C ASN A 104 -37.17 -8.87 21.87
N TYR A 105 -37.85 -8.86 23.02
CA TYR A 105 -39.19 -9.43 23.08
C TYR A 105 -40.12 -8.66 22.15
N LYS A 106 -39.96 -7.34 22.09
CA LYS A 106 -40.76 -6.52 21.17
C LYS A 106 -40.50 -6.89 19.71
N ALA A 107 -39.22 -6.87 19.30
CA ALA A 107 -38.83 -7.16 17.91
C ALA A 107 -39.20 -8.59 17.52
N ALA A 108 -38.92 -9.55 18.40
CA ALA A 108 -39.20 -10.95 18.06
C ALA A 108 -40.70 -11.15 17.91
N GLY A 109 -41.47 -10.58 18.85
CA GLY A 109 -42.93 -10.70 18.81
C GLY A 109 -43.51 -10.08 17.56
N ASP A 110 -43.03 -8.90 17.21
CA ASP A 110 -43.49 -8.22 15.99
C ASP A 110 -43.25 -9.09 14.76
N ALA A 111 -42.08 -9.75 14.72
CA ALA A 111 -41.72 -10.57 13.56
C ALA A 111 -42.54 -11.86 13.51
N LEU A 112 -42.81 -12.43 14.67
CA LEU A 112 -43.52 -13.72 14.78
C LEU A 112 -45.04 -13.62 14.81
N GLY A 113 -45.56 -12.41 14.97
CA GLY A 113 -47.00 -12.21 15.15
C GLY A 113 -47.50 -12.70 16.51
N ILE A 114 -46.68 -12.52 17.55
CA ILE A 114 -47.02 -12.89 18.92
C ILE A 114 -46.68 -11.73 19.84
N ASP A 115 -47.55 -11.42 20.79
CA ASP A 115 -47.31 -10.30 21.69
C ASP A 115 -46.39 -10.70 22.84
N LEU A 116 -45.11 -10.82 22.53
CA LEU A 116 -44.14 -11.25 23.50
C LEU A 116 -43.75 -10.14 24.47
N LEU A 117 -43.91 -8.88 24.07
CA LEU A 117 -43.61 -7.79 24.98
C LEU A 117 -44.58 -7.80 26.16
N ASN A 118 -45.86 -8.07 25.90
CA ASN A 118 -46.83 -8.11 26.98
C ASN A 118 -47.06 -9.50 27.58
N ASN A 119 -46.47 -10.53 26.96
CA ASN A 119 -46.62 -11.91 27.43
C ASN A 119 -45.29 -12.66 27.31
N PRO A 120 -44.23 -12.15 27.97
CA PRO A 120 -42.90 -12.75 27.75
C PRO A 120 -42.82 -14.20 28.26
N ASP A 121 -43.66 -14.57 29.21
CA ASP A 121 -43.63 -15.95 29.74
C ASP A 121 -43.99 -17.00 28.66
N LEU A 122 -44.62 -16.58 27.58
CA LEU A 122 -44.88 -17.52 26.48
C LEU A 122 -43.60 -18.24 26.02
N VAL A 123 -42.48 -17.54 26.09
CA VAL A 123 -41.19 -18.12 25.64
C VAL A 123 -40.73 -19.24 26.59
N GLN A 124 -41.18 -19.23 27.86
CA GLN A 124 -40.82 -20.33 28.77
C GLN A 124 -41.93 -21.34 28.98
N ASN A 125 -43.10 -21.05 28.42
CA ASN A 125 -44.28 -21.88 28.66
C ASN A 125 -44.78 -22.63 27.45
N ASP A 126 -44.29 -22.25 26.27
CA ASP A 126 -44.71 -22.92 25.04
C ASP A 126 -43.52 -23.28 24.15
N SER A 127 -43.40 -24.57 23.83
CA SER A 127 -42.24 -25.09 23.11
C SER A 127 -42.13 -24.47 21.71
N ALA A 128 -43.23 -24.40 20.97
CA ALA A 128 -43.17 -23.84 19.63
C ALA A 128 -42.73 -22.37 19.66
N VAL A 129 -43.30 -21.60 20.58
CA VAL A 129 -42.91 -20.19 20.69
C VAL A 129 -41.42 -20.08 21.02
N ALA A 130 -40.96 -20.90 21.99
CA ALA A 130 -39.56 -20.90 22.38
C ALA A 130 -38.66 -21.15 21.16
N TRP A 131 -38.95 -22.20 20.41
CA TRP A 131 -38.16 -22.50 19.23
C TRP A 131 -38.27 -21.39 18.17
N LYS A 132 -39.46 -20.82 17.99
CA LYS A 132 -39.60 -19.71 17.05
C LYS A 132 -38.72 -18.52 17.43
N THR A 133 -38.55 -18.24 18.72
CA THR A 133 -37.69 -17.10 19.10
C THR A 133 -36.22 -17.43 18.76
N GLY A 134 -35.85 -18.71 18.89
CA GLY A 134 -34.50 -19.14 18.50
C GLY A 134 -34.27 -18.95 17.02
N LEU A 135 -35.25 -19.35 16.21
CA LEU A 135 -35.13 -19.18 14.76
C LEU A 135 -35.20 -17.70 14.34
N TRP A 136 -35.96 -16.88 15.07
CA TRP A 136 -35.98 -15.44 14.80
C TRP A 136 -34.56 -14.89 14.97
N TYR A 137 -33.91 -15.24 16.07
CA TYR A 137 -32.58 -14.69 16.34
C TYR A 137 -31.61 -15.18 15.26
N TRP A 138 -31.63 -16.48 15.02
CA TRP A 138 -30.71 -17.11 14.08
C TRP A 138 -30.81 -16.56 12.66
N ASN A 139 -32.04 -16.25 12.26
CA ASN A 139 -32.29 -15.92 10.86
C ASN A 139 -32.34 -14.42 10.59
N THR A 140 -32.47 -13.60 11.64
CA THR A 140 -32.64 -12.15 11.41
C THR A 140 -31.68 -11.23 12.17
N GLN A 141 -31.03 -11.76 13.20
CA GLN A 141 -30.20 -10.93 14.08
C GLN A 141 -28.71 -11.15 13.89
N THR A 142 -27.92 -10.08 13.98
CA THR A 142 -26.47 -10.20 13.90
C THR A 142 -25.84 -10.30 15.28
N GLY A 143 -26.57 -9.80 16.28
CA GLY A 143 -26.07 -9.70 17.65
C GLY A 143 -24.81 -8.86 17.71
N PRO A 144 -23.87 -9.21 18.61
CA PRO A 144 -22.56 -8.57 18.69
C PRO A 144 -21.63 -8.87 17.50
N GLY A 145 -22.18 -9.54 16.48
CA GLY A 145 -21.44 -9.86 15.23
C GLY A 145 -21.78 -8.94 14.06
N THR A 146 -21.39 -9.35 12.84
CA THR A 146 -21.62 -8.54 11.63
C THR A 146 -22.57 -9.18 10.60
N MET A 147 -22.99 -10.42 10.85
CA MET A 147 -23.91 -11.07 9.93
C MET A 147 -24.84 -11.97 10.72
N THR A 148 -25.97 -12.35 10.12
CA THR A 148 -26.84 -13.32 10.78
C THR A 148 -26.16 -14.70 10.79
N PRO A 149 -26.40 -15.49 11.85
CA PRO A 149 -25.90 -16.86 11.80
C PRO A 149 -26.36 -17.66 10.58
N HIS A 150 -27.58 -17.42 10.13
CA HIS A 150 -28.09 -18.04 8.90
C HIS A 150 -27.18 -17.68 7.73
N ASP A 151 -26.87 -16.39 7.59
CA ASP A 151 -25.98 -15.97 6.50
C ASP A 151 -24.56 -16.56 6.63
N ALA A 152 -24.04 -16.60 7.85
CA ALA A 152 -22.71 -17.19 8.06
C ALA A 152 -22.63 -18.63 7.54
N MET A 153 -23.67 -19.42 7.75
CA MET A 153 -23.60 -20.82 7.39
C MET A 153 -23.92 -21.03 5.92
N VAL A 154 -24.90 -20.30 5.39
CA VAL A 154 -25.26 -20.49 3.97
C VAL A 154 -24.23 -19.88 3.00
N ASN A 155 -23.63 -18.75 3.39
CA ASN A 155 -22.66 -18.05 2.53
C ASN A 155 -21.21 -18.46 2.74
N GLY A 156 -20.98 -19.32 3.74
CA GLY A 156 -19.68 -19.94 3.93
C GLY A 156 -18.68 -19.14 4.76
N ALA A 157 -19.17 -18.18 5.55
CA ALA A 157 -18.31 -17.46 6.48
C ALA A 157 -17.86 -18.37 7.64
N GLY A 158 -18.67 -19.40 7.92
CA GLY A 158 -18.28 -20.47 8.84
C GLY A 158 -18.90 -20.41 10.24
N PHE A 159 -18.75 -21.52 10.95
CA PHE A 159 -19.32 -21.65 12.29
C PHE A 159 -18.83 -20.59 13.27
N GLY A 160 -17.60 -20.11 13.11
CA GLY A 160 -17.05 -19.19 14.10
C GLY A 160 -17.84 -17.90 14.19
N GLU A 161 -18.39 -17.46 13.05
CA GLU A 161 -19.22 -16.24 13.04
C GLU A 161 -20.50 -16.41 13.83
N THR A 162 -20.99 -17.64 13.90
CA THR A 162 -22.21 -17.91 14.69
C THR A 162 -21.90 -17.83 16.19
N ILE A 163 -20.69 -18.24 16.60
CA ILE A 163 -20.27 -18.08 18.00
C ILE A 163 -20.26 -16.59 18.35
N ARG A 164 -19.69 -15.78 17.46
CA ARG A 164 -19.62 -14.35 17.69
C ARG A 164 -20.99 -13.72 17.89
N SER A 165 -21.96 -14.13 17.06
CA SER A 165 -23.31 -13.55 17.12
C SER A 165 -24.18 -14.06 18.27
N ILE A 166 -23.86 -15.25 18.77
CA ILE A 166 -24.65 -15.84 19.85
C ILE A 166 -23.87 -15.81 21.16
N ASN A 167 -23.99 -14.67 21.84
CA ASN A 167 -23.41 -14.50 23.15
C ASN A 167 -21.92 -14.88 23.21
N GLY A 168 -21.18 -14.43 22.20
CA GLY A 168 -19.76 -14.71 22.11
C GLY A 168 -18.80 -13.58 22.41
N SER A 169 -19.33 -12.44 22.85
CA SER A 169 -18.50 -11.24 23.04
C SER A 169 -17.37 -11.39 24.04
N LEU A 170 -17.55 -12.23 25.06
CA LEU A 170 -16.51 -12.49 26.07
C LEU A 170 -15.67 -13.72 25.74
N GLU A 171 -15.98 -14.38 24.63
CA GLU A 171 -15.33 -15.64 24.27
C GLU A 171 -14.44 -15.53 23.03
N CYS A 172 -14.96 -14.87 22.01
CA CYS A 172 -14.17 -14.60 20.80
C CYS A 172 -12.96 -13.69 21.09
N ASP A 173 -12.14 -13.55 20.06
CA ASP A 173 -10.95 -12.69 20.09
C ASP A 173 -9.92 -13.08 21.14
N GLY A 174 -9.91 -14.36 21.52
CA GLY A 174 -9.04 -14.86 22.58
C GLY A 174 -9.60 -14.65 23.99
N GLY A 175 -10.85 -14.20 24.10
CA GLY A 175 -11.47 -13.96 25.41
C GLY A 175 -11.63 -15.18 26.31
N ASN A 176 -11.98 -16.32 25.70
CA ASN A 176 -12.18 -17.54 26.45
C ASN A 176 -11.96 -18.72 25.50
N PRO A 177 -10.68 -19.10 25.28
CA PRO A 177 -10.33 -20.18 24.34
C PRO A 177 -11.04 -21.48 24.68
N GLY A 178 -11.17 -21.79 25.97
CA GLY A 178 -11.88 -23.00 26.41
C GLY A 178 -13.34 -23.06 25.97
N GLN A 179 -14.07 -21.95 26.10
CA GLN A 179 -15.47 -21.93 25.68
C GLN A 179 -15.59 -22.01 24.16
N VAL A 180 -14.73 -21.29 23.44
CA VAL A 180 -14.72 -21.39 21.98
C VAL A 180 -14.46 -22.84 21.55
N GLN A 181 -13.44 -23.48 22.12
CA GLN A 181 -13.15 -24.87 21.74
C GLN A 181 -14.32 -25.80 22.06
N SER A 182 -14.95 -25.59 23.22
CA SER A 182 -16.08 -26.42 23.62
C SER A 182 -17.22 -26.27 22.61
N ARG A 183 -17.44 -25.04 22.13
CA ARG A 183 -18.50 -24.79 21.16
C ARG A 183 -18.20 -25.44 19.82
N ILE A 184 -16.96 -25.33 19.37
CA ILE A 184 -16.52 -25.98 18.14
C ILE A 184 -16.67 -27.50 18.27
N ASP A 185 -16.21 -28.06 19.40
CA ASP A 185 -16.30 -29.52 19.59
C ASP A 185 -17.74 -30.02 19.47
N ASN A 186 -18.68 -29.29 20.05
CA ASN A 186 -20.10 -29.66 19.97
C ASN A 186 -20.58 -29.60 18.53
N TYR A 187 -20.20 -28.57 17.79
CA TYR A 187 -20.59 -28.47 16.38
C TYR A 187 -20.03 -29.63 15.57
N GLU A 188 -18.77 -29.99 15.83
CA GLU A 188 -18.15 -31.14 15.14
C GLU A 188 -18.89 -32.44 15.47
N ARG A 189 -19.28 -32.63 16.72
CA ARG A 189 -20.04 -33.83 17.07
C ARG A 189 -21.38 -33.88 16.36
N PHE A 190 -22.04 -32.73 16.23
CA PHE A 190 -23.36 -32.70 15.60
C PHE A 190 -23.28 -32.89 14.09
N THR A 191 -22.29 -32.28 13.46
CA THR A 191 -22.07 -32.53 12.04
C THR A 191 -21.71 -34.00 11.80
N GLN A 192 -20.88 -34.57 12.67
CA GLN A 192 -20.52 -35.99 12.57
C GLN A 192 -21.78 -36.87 12.66
N LEU A 193 -22.67 -36.53 13.60
CA LEU A 193 -23.92 -37.29 13.74
C LEU A 193 -24.74 -37.21 12.46
N LEU A 194 -24.81 -36.03 11.86
CA LEU A 194 -25.57 -35.82 10.62
C LEU A 194 -24.85 -36.32 9.36
N GLY A 195 -23.60 -36.75 9.53
CA GLY A 195 -22.79 -37.30 8.44
C GLY A 195 -22.27 -36.28 7.45
N VAL A 196 -21.99 -35.07 7.91
CA VAL A 196 -21.40 -34.05 7.05
C VAL A 196 -20.11 -33.45 7.63
N GLU A 197 -19.30 -32.88 6.74
CA GLU A 197 -18.09 -32.15 7.12
C GLU A 197 -18.46 -30.87 7.87
N PRO A 198 -17.61 -30.40 8.81
CA PRO A 198 -17.96 -29.17 9.52
C PRO A 198 -17.74 -27.88 8.72
N GLY A 199 -16.94 -27.95 7.66
CA GLY A 199 -16.58 -26.75 6.92
C GLY A 199 -15.44 -26.02 7.61
N GLY A 200 -15.10 -24.83 7.08
CA GLY A 200 -13.98 -24.07 7.58
C GLY A 200 -14.34 -22.94 8.53
N ASN A 201 -13.32 -22.15 8.88
CA ASN A 201 -13.48 -20.95 9.72
C ASN A 201 -14.33 -21.26 10.96
N LEU A 202 -13.92 -22.29 11.69
CA LEU A 202 -14.71 -22.76 12.84
C LEU A 202 -14.60 -21.85 14.05
N SER A 203 -13.51 -21.11 14.14
CA SER A 203 -13.25 -20.36 15.37
C SER A 203 -13.48 -18.85 15.26
N CYS A 204 -13.40 -18.19 16.40
CA CYS A 204 -13.45 -16.72 16.47
C CYS A 204 -12.57 -16.27 17.63
N PHE B 1 39.92 6.71 -27.89
CA PHE B 1 38.66 7.49 -27.64
C PHE B 1 37.56 7.07 -28.62
N VAL B 2 36.37 6.79 -28.09
CA VAL B 2 35.24 6.33 -28.92
C VAL B 2 34.70 7.38 -29.89
N VAL B 3 35.14 8.64 -29.75
CA VAL B 3 34.85 9.68 -30.71
C VAL B 3 36.13 10.01 -31.48
N SER B 4 36.09 9.82 -32.80
CA SER B 4 37.24 10.11 -33.66
C SER B 4 37.37 11.61 -33.89
N GLU B 5 38.52 12.04 -34.40
CA GLU B 5 38.71 13.44 -34.79
C GLU B 5 37.69 13.89 -35.84
N ALA B 6 37.43 13.01 -36.82
CA ALA B 6 36.51 13.32 -37.89
C ALA B 6 35.08 13.49 -37.34
N GLN B 7 34.72 12.63 -36.39
CA GLN B 7 33.42 12.70 -35.74
C GLN B 7 33.26 13.98 -34.90
N PHE B 8 34.30 14.33 -34.16
CA PHE B 8 34.35 15.57 -33.40
C PHE B 8 34.12 16.79 -34.31
N ASP B 9 34.77 16.80 -35.46
CA ASP B 9 34.57 17.85 -36.46
C ASP B 9 33.14 17.95 -36.96
N GLN B 10 32.50 16.79 -37.13
CA GLN B 10 31.10 16.75 -37.54
C GLN B 10 30.20 17.25 -36.43
N MET B 11 30.58 16.94 -35.19
CA MET B 11 29.78 17.33 -34.05
C MET B 11 29.76 18.83 -33.83
N PHE B 12 30.87 19.50 -34.12
CA PHE B 12 31.03 20.91 -33.77
C PHE B 12 31.59 21.75 -34.93
N PRO B 13 30.80 21.91 -36.01
CA PRO B 13 31.36 22.56 -37.20
C PRO B 13 31.56 24.06 -37.09
N SER B 14 30.96 24.67 -36.08
CA SER B 14 31.05 26.12 -35.88
C SER B 14 32.03 26.54 -34.79
N ARG B 15 32.74 25.57 -34.22
CA ARG B 15 33.49 25.81 -33.00
C ARG B 15 34.58 26.86 -33.08
N ASN B 16 34.78 27.54 -31.95
CA ASN B 16 35.93 28.39 -31.74
C ASN B 16 37.17 27.50 -31.82
N SER B 17 38.19 27.92 -32.58
CA SER B 17 39.36 27.05 -32.79
C SER B 17 40.16 26.78 -31.51
N PHE B 18 39.85 27.53 -30.44
CA PHE B 18 40.36 27.24 -29.10
C PHE B 18 40.14 25.78 -28.70
N TYR B 19 38.95 25.28 -28.99
CA TYR B 19 38.56 23.96 -28.54
C TYR B 19 39.12 22.88 -29.47
N THR B 20 40.25 22.30 -29.10
CA THR B 20 40.91 21.33 -29.95
C THR B 20 40.55 19.90 -29.54
N TYR B 21 40.51 19.01 -30.53
CA TYR B 21 40.32 17.60 -30.28
C TYR B 21 41.51 17.04 -29.49
N SER B 22 42.72 17.52 -29.81
CA SER B 22 43.94 17.09 -29.09
C SER B 22 43.90 17.45 -27.62
N GLY B 23 43.31 18.61 -27.30
CA GLY B 23 43.14 19.01 -25.90
C GLY B 23 42.17 18.09 -25.18
N LEU B 24 41.13 17.66 -25.88
CA LEU B 24 40.14 16.75 -25.32
C LEU B 24 40.76 15.36 -25.05
N THR B 25 41.52 14.85 -26.02
CA THR B 25 42.14 13.54 -25.83
C THR B 25 43.20 13.57 -24.75
N ALA B 26 43.92 14.69 -24.62
CA ALA B 26 44.85 14.88 -23.50
C ALA B 26 44.15 14.84 -22.14
N ALA B 27 42.94 15.39 -22.08
CA ALA B 27 42.16 15.44 -20.85
C ALA B 27 41.67 14.09 -20.35
N LEU B 28 41.49 13.14 -21.28
CA LEU B 28 40.88 11.86 -20.95
C LEU B 28 41.62 11.08 -19.85
N SER B 29 42.94 11.27 -19.78
CA SER B 29 43.76 10.59 -18.77
C SER B 29 43.37 10.94 -17.34
N ALA B 30 42.76 12.12 -17.15
CA ALA B 30 42.33 12.53 -15.82
C ALA B 30 41.17 11.68 -15.30
N TYR B 31 40.38 11.11 -16.23
CA TYR B 31 39.23 10.28 -15.89
C TYR B 31 39.17 9.06 -16.81
N PRO B 32 39.99 8.03 -16.50
CA PRO B 32 40.12 6.84 -17.35
C PRO B 32 38.83 6.04 -17.53
N GLY B 33 37.91 6.16 -16.56
CA GLY B 33 36.60 5.49 -16.62
C GLY B 33 35.63 6.13 -17.61
N PHE B 34 35.90 7.38 -17.97
CA PHE B 34 34.99 8.15 -18.82
C PHE B 34 35.00 7.62 -20.25
N SER B 35 33.80 7.33 -20.77
CA SER B 35 33.60 6.66 -22.06
C SER B 35 34.39 5.34 -22.16
N ASN B 36 34.68 4.74 -21.01
CA ASN B 36 35.39 3.45 -20.98
C ASN B 36 34.86 2.51 -19.91
N THR B 37 33.65 2.77 -19.44
CA THR B 37 32.98 1.94 -18.46
C THR B 37 31.72 1.36 -19.08
N GLY B 38 31.57 0.03 -18.99
CA GLY B 38 30.41 -0.67 -19.52
C GLY B 38 30.58 -1.10 -20.97
N SER B 39 29.47 -1.47 -21.59
CA SER B 39 29.44 -1.95 -22.97
C SER B 39 29.85 -0.85 -23.95
N ASP B 40 30.24 -1.24 -25.16
CA ASP B 40 30.62 -0.27 -26.19
C ASP B 40 29.46 0.70 -26.53
N THR B 41 28.21 0.26 -26.33
CA THR B 41 27.05 1.14 -26.48
C THR B 41 27.02 2.22 -25.38
N VAL B 42 27.20 1.81 -24.14
CA VAL B 42 27.24 2.73 -23.00
C VAL B 42 28.39 3.73 -23.13
N LYS B 43 29.55 3.25 -23.61
CA LYS B 43 30.71 4.12 -23.80
C LYS B 43 30.44 5.23 -24.80
N LYS B 44 29.81 4.86 -25.92
CA LYS B 44 29.42 5.79 -26.99
C LYS B 44 28.30 6.74 -26.52
N GLN B 45 27.31 6.19 -25.82
CA GLN B 45 26.23 7.01 -25.24
C GLN B 45 26.80 8.05 -24.29
N GLU B 46 27.73 7.63 -23.44
CA GLU B 46 28.34 8.57 -22.51
C GLU B 46 29.09 9.70 -23.22
N ALA B 47 29.92 9.36 -24.19
CA ALA B 47 30.67 10.37 -24.95
C ALA B 47 29.71 11.34 -25.64
N ALA B 48 28.71 10.79 -26.33
CA ALA B 48 27.67 11.61 -27.00
C ALA B 48 26.96 12.53 -26.02
N ALA B 49 26.61 12.01 -24.84
CA ALA B 49 25.90 12.80 -23.83
C ALA B 49 26.74 13.95 -23.31
N PHE B 50 28.02 13.67 -23.03
CA PHE B 50 28.95 14.69 -22.59
C PHE B 50 29.03 15.79 -23.66
N LEU B 51 29.29 15.39 -24.90
CA LEU B 51 29.51 16.38 -25.95
C LEU B 51 28.22 17.15 -26.31
N ALA B 52 27.06 16.49 -26.21
CA ALA B 52 25.76 17.16 -26.44
C ALA B 52 25.51 18.25 -25.39
N ASN B 53 25.77 17.91 -24.13
CA ASN B 53 25.61 18.88 -23.05
C ASN B 53 26.59 20.05 -23.24
N VAL B 54 27.84 19.72 -23.59
CA VAL B 54 28.84 20.76 -23.90
C VAL B 54 28.36 21.67 -25.04
N GLY B 55 27.81 21.07 -26.09
CA GLY B 55 27.27 21.87 -27.20
C GLY B 55 26.19 22.84 -26.75
N HIS B 56 25.32 22.39 -25.86
CA HIS B 56 24.26 23.24 -25.37
C HIS B 56 24.81 24.42 -24.57
N GLU B 57 25.80 24.16 -23.71
CA GLU B 57 26.29 25.18 -22.79
C GLU B 57 27.18 26.23 -23.42
N THR B 58 27.77 25.90 -24.58
CA THR B 58 28.77 26.77 -25.19
C THR B 58 28.36 27.26 -26.59
N GLY B 59 27.12 26.97 -27.00
CA GLY B 59 26.72 27.29 -28.36
C GLY B 59 27.53 26.53 -29.39
N GLY B 60 27.57 25.20 -29.29
CA GLY B 60 28.31 24.40 -30.27
C GLY B 60 29.79 24.71 -30.24
N LEU B 61 30.30 24.99 -29.03
CA LEU B 61 31.71 25.40 -28.81
C LEU B 61 32.11 26.72 -29.49
N VAL B 62 31.14 27.55 -29.88
CA VAL B 62 31.46 28.88 -30.41
C VAL B 62 32.04 29.80 -29.31
N TYR B 63 31.53 29.63 -28.08
CA TYR B 63 31.91 30.47 -26.95
C TYR B 63 32.81 29.75 -25.95
N VAL B 64 33.83 30.47 -25.51
CA VAL B 64 34.75 29.99 -24.47
C VAL B 64 34.33 30.57 -23.13
N VAL B 65 33.97 31.86 -23.13
CA VAL B 65 33.60 32.53 -21.88
C VAL B 65 32.12 32.92 -21.84
N GLU B 66 31.61 33.04 -20.62
CA GLU B 66 30.24 33.49 -20.38
C GLU B 66 29.98 34.82 -21.10
N GLN B 67 28.87 34.90 -21.83
CA GLN B 67 28.59 36.07 -22.67
C GLN B 67 28.03 37.26 -21.90
N ASN B 68 27.26 37.00 -20.86
CA ASN B 68 26.66 38.07 -20.08
C ASN B 68 27.70 38.63 -19.10
N THR B 69 28.45 39.63 -19.55
CA THR B 69 29.56 40.17 -18.77
C THR B 69 29.09 40.88 -17.49
N ALA B 70 27.81 41.28 -17.47
CA ALA B 70 27.20 41.88 -16.28
C ALA B 70 27.14 40.90 -15.09
N ASN B 71 27.14 39.59 -15.39
CA ASN B 71 27.12 38.54 -14.37
C ASN B 71 28.48 38.26 -13.72
N TYR B 72 29.56 38.75 -14.33
CA TYR B 72 30.92 38.38 -13.86
C TYR B 72 31.20 38.57 -12.35
N PRO B 73 30.71 39.67 -11.73
CA PRO B 73 30.94 39.81 -10.29
C PRO B 73 30.11 38.86 -9.42
N HIS B 74 29.18 38.12 -10.02
CA HIS B 74 28.24 37.30 -9.25
C HIS B 74 28.79 35.97 -8.74
N TYR B 75 30.03 35.64 -9.11
CA TYR B 75 30.54 34.29 -8.87
C TYR B 75 31.63 34.19 -7.80
N CYS B 76 31.76 35.24 -7.00
CA CYS B 76 32.63 35.20 -5.84
C CYS B 76 31.77 34.93 -4.60
N ASP B 77 31.93 33.73 -4.02
CA ASP B 77 31.38 33.43 -2.71
C ASP B 77 32.45 33.84 -1.69
N ALA B 78 32.30 35.04 -1.14
CA ALA B 78 33.32 35.64 -0.28
C ALA B 78 33.38 34.98 1.10
N SER B 79 32.41 34.12 1.41
CA SER B 79 32.42 33.41 2.69
C SER B 79 33.52 32.35 2.74
N GLN B 80 33.98 31.91 1.56
CA GLN B 80 35.00 30.88 1.49
C GLN B 80 36.30 31.37 2.11
N PRO B 81 36.92 30.53 2.97
CA PRO B 81 38.18 30.92 3.64
C PRO B 81 39.29 31.25 2.65
N TYR B 82 39.25 30.63 1.48
CA TYR B 82 40.27 30.86 0.45
C TYR B 82 39.96 32.06 -0.45
N GLY B 83 38.77 32.64 -0.30
CA GLY B 83 38.40 33.87 -1.00
C GLY B 83 38.34 33.78 -2.52
N CYS B 84 38.68 34.88 -3.17
CA CYS B 84 38.65 35.03 -4.61
C CYS B 84 39.94 35.71 -5.05
N PRO B 85 41.09 35.01 -4.87
CA PRO B 85 42.41 35.65 -5.04
C PRO B 85 42.69 36.18 -6.44
N ALA B 86 42.06 35.58 -7.47
CA ALA B 86 42.22 36.09 -8.82
C ALA B 86 41.47 37.40 -9.05
N GLY B 87 40.53 37.71 -8.16
CA GLY B 87 39.65 38.87 -8.33
C GLY B 87 38.20 38.47 -8.18
N ASN B 88 37.39 39.37 -7.63
CA ASN B 88 35.97 39.11 -7.38
C ASN B 88 35.21 38.75 -8.66
N ASP B 89 35.64 39.34 -9.77
CA ASP B 89 34.90 39.24 -11.04
C ASP B 89 35.55 38.25 -12.00
N LYS B 90 36.31 37.30 -11.44
CA LYS B 90 37.19 36.43 -12.23
C LYS B 90 36.76 34.96 -12.27
N TYR B 91 35.58 34.64 -11.74
CA TYR B 91 35.13 33.24 -11.62
C TYR B 91 33.86 32.95 -12.42
N TYR B 92 33.71 33.71 -13.49
CA TYR B 92 32.62 33.51 -14.45
C TYR B 92 32.82 32.25 -15.28
N GLY B 93 31.77 31.88 -16.03
CA GLY B 93 31.75 30.64 -16.82
C GLY B 93 32.85 30.58 -17.85
N ARG B 94 33.56 29.46 -17.86
CA ARG B 94 34.60 29.20 -18.86
C ARG B 94 34.60 27.75 -19.31
N GLY B 95 34.88 27.54 -20.59
CA GLY B 95 35.15 26.20 -21.08
C GLY B 95 33.90 25.38 -21.34
N PRO B 96 34.07 24.08 -21.60
CA PRO B 96 33.00 23.20 -22.09
C PRO B 96 31.77 23.10 -21.21
N VAL B 97 31.93 23.21 -19.88
CA VAL B 97 30.77 23.15 -18.98
C VAL B 97 30.52 24.50 -18.31
N GLN B 98 31.17 25.54 -18.81
CA GLN B 98 30.99 26.90 -18.26
C GLN B 98 31.18 26.88 -16.75
N LEU B 99 32.33 26.34 -16.33
CA LEU B 99 32.71 26.30 -14.93
C LEU B 99 32.64 27.71 -14.33
N SER B 100 31.92 27.83 -13.21
CA SER B 100 31.66 29.10 -12.53
C SER B 100 31.77 28.90 -11.02
N TRP B 101 32.10 30.01 -10.35
CA TRP B 101 32.19 30.14 -8.86
C TRP B 101 33.57 29.79 -8.34
N ASN B 102 34.07 30.65 -7.45
CA ASN B 102 35.36 30.39 -6.80
C ASN B 102 35.45 28.99 -6.16
N PHE B 103 34.38 28.52 -5.52
CA PHE B 103 34.38 27.19 -4.91
C PHE B 103 34.50 26.03 -5.94
N ASN B 104 33.99 26.23 -7.16
CA ASN B 104 34.13 25.21 -8.19
C ASN B 104 35.51 25.21 -8.85
N TYR B 105 36.07 26.39 -9.05
CA TYR B 105 37.47 26.51 -9.49
C TYR B 105 38.42 25.87 -8.46
N LYS B 106 38.15 26.11 -7.18
CA LYS B 106 38.93 25.50 -6.10
C LYS B 106 38.84 23.96 -6.13
N ALA B 107 37.61 23.44 -6.11
CA ALA B 107 37.40 21.99 -6.13
C ALA B 107 37.97 21.30 -7.38
N ALA B 108 37.71 21.89 -8.56
CA ALA B 108 38.20 21.30 -9.80
C ALA B 108 39.73 21.24 -9.79
N GLY B 109 40.34 22.36 -9.38
CA GLY B 109 41.78 22.47 -9.32
C GLY B 109 42.39 21.45 -8.40
N ASP B 110 41.79 21.30 -7.20
CA ASP B 110 42.27 20.30 -6.24
C ASP B 110 42.22 18.90 -6.81
N ALA B 111 41.15 18.59 -7.55
CA ALA B 111 41.00 17.27 -8.15
C ALA B 111 41.98 17.05 -9.28
N LEU B 112 42.24 18.11 -10.05
CA LEU B 112 43.05 18.00 -11.27
C LEU B 112 44.55 18.23 -11.03
N GLY B 113 44.90 18.70 -9.83
CA GLY B 113 46.30 19.05 -9.51
C GLY B 113 46.79 20.31 -10.19
N ILE B 114 45.88 21.29 -10.35
CA ILE B 114 46.20 22.58 -10.97
C ILE B 114 45.56 23.64 -10.09
N ASP B 115 46.29 24.73 -9.82
CA ASP B 115 45.72 25.79 -9.00
C ASP B 115 44.84 26.73 -9.83
N LEU B 116 43.59 26.30 -10.05
CA LEU B 116 42.61 27.06 -10.82
C LEU B 116 41.96 28.20 -10.04
N LEU B 117 42.00 28.11 -8.72
CA LEU B 117 41.60 29.25 -7.89
C LEU B 117 42.52 30.46 -8.13
N ASN B 118 43.82 30.21 -8.18
CA ASN B 118 44.79 31.26 -8.48
C ASN B 118 44.71 31.77 -9.91
N ASN B 119 44.54 30.84 -10.85
CA ASN B 119 44.62 31.17 -12.28
C ASN B 119 43.38 30.59 -12.99
N PRO B 120 42.20 31.17 -12.72
CA PRO B 120 41.00 30.65 -13.37
C PRO B 120 41.00 30.84 -14.89
N ASP B 121 41.78 31.81 -15.37
CA ASP B 121 41.92 32.08 -16.80
C ASP B 121 42.48 30.88 -17.57
N LEU B 122 43.14 29.95 -16.88
CA LEU B 122 43.62 28.74 -17.56
C LEU B 122 42.48 28.00 -18.27
N VAL B 123 41.28 28.11 -17.70
CA VAL B 123 40.13 27.39 -18.23
C VAL B 123 39.64 28.03 -19.54
N GLN B 124 39.98 29.30 -19.75
CA GLN B 124 39.74 29.94 -21.05
C GLN B 124 40.97 30.06 -21.98
N ASN B 125 42.16 29.72 -21.46
CA ASN B 125 43.42 29.91 -22.21
C ASN B 125 44.14 28.64 -22.63
N ASP B 126 43.81 27.52 -21.98
CA ASP B 126 44.44 26.23 -22.31
C ASP B 126 43.39 25.17 -22.59
N SER B 127 43.42 24.58 -23.79
CA SER B 127 42.42 23.61 -24.22
C SER B 127 42.38 22.36 -23.32
N ALA B 128 43.54 21.79 -22.99
CA ALA B 128 43.52 20.58 -22.18
C ALA B 128 42.92 20.86 -20.81
N VAL B 129 43.28 21.99 -20.19
CA VAL B 129 42.72 22.34 -18.88
C VAL B 129 41.21 22.53 -18.99
N ALA B 130 40.78 23.26 -20.03
CA ALA B 130 39.34 23.47 -20.23
C ALA B 130 38.60 22.14 -20.32
N TRP B 131 39.08 21.22 -21.16
CA TRP B 131 38.43 19.92 -21.26
C TRP B 131 38.49 19.13 -19.94
N LYS B 132 39.61 19.21 -19.24
CA LYS B 132 39.71 18.53 -17.95
C LYS B 132 38.66 19.04 -16.96
N THR B 133 38.35 20.34 -16.97
CA THR B 133 37.31 20.86 -16.06
C THR B 133 35.94 20.28 -16.42
N GLY B 134 35.69 20.12 -17.73
CA GLY B 134 34.45 19.51 -18.18
C GLY B 134 34.34 18.08 -17.68
N LEU B 135 35.43 17.33 -17.81
CA LEU B 135 35.45 15.94 -17.36
C LEU B 135 35.33 15.84 -15.84
N TRP B 136 35.97 16.77 -15.12
CA TRP B 136 35.84 16.84 -13.66
C TRP B 136 34.36 16.96 -13.27
N TYR B 137 33.66 17.91 -13.88
CA TYR B 137 32.26 18.12 -13.53
C TYR B 137 31.43 16.87 -13.87
N TRP B 138 31.64 16.38 -15.08
CA TRP B 138 30.90 15.21 -15.59
C TRP B 138 31.05 13.98 -14.70
N ASN B 139 32.28 13.77 -14.23
CA ASN B 139 32.59 12.51 -13.57
C ASN B 139 32.50 12.58 -12.05
N THR B 140 32.40 13.78 -11.48
CA THR B 140 32.42 13.91 -10.01
C THR B 140 31.31 14.75 -9.36
N GLN B 141 30.58 15.53 -10.16
CA GLN B 141 29.60 16.47 -9.62
C GLN B 141 28.18 16.08 -9.94
N THR B 142 27.27 16.41 -9.03
CA THR B 142 25.84 16.17 -9.26
C THR B 142 25.15 17.45 -9.70
N GLY B 143 25.74 18.60 -9.38
CA GLY B 143 25.13 19.90 -9.65
C GLY B 143 23.75 20.01 -9.01
N PRO B 144 22.80 20.69 -9.68
CA PRO B 144 21.45 20.76 -9.14
C PRO B 144 20.69 19.45 -9.32
N GLY B 145 21.40 18.40 -9.74
CA GLY B 145 20.81 17.05 -9.89
C GLY B 145 21.02 16.18 -8.68
N THR B 146 20.84 14.88 -8.84
CA THR B 146 20.95 13.91 -7.74
C THR B 146 22.04 12.85 -7.95
N MET B 147 22.66 12.87 -9.13
CA MET B 147 23.73 11.92 -9.43
C MET B 147 24.73 12.59 -10.38
N THR B 148 25.92 12.01 -10.50
CA THR B 148 26.86 12.49 -11.50
C THR B 148 26.37 12.07 -12.88
N PRO B 149 26.59 12.92 -13.90
CA PRO B 149 26.27 12.52 -15.26
C PRO B 149 26.92 11.21 -15.69
N HIS B 150 28.14 10.95 -15.20
CA HIS B 150 28.82 9.69 -15.47
C HIS B 150 27.98 8.52 -14.97
N ASP B 151 27.56 8.62 -13.70
CA ASP B 151 26.73 7.57 -13.11
C ASP B 151 25.38 7.45 -13.84
N ALA B 152 24.77 8.58 -14.18
CA ALA B 152 23.52 8.55 -14.94
C ALA B 152 23.62 7.71 -16.22
N MET B 153 24.71 7.89 -16.95
CA MET B 153 24.88 7.19 -18.23
C MET B 153 25.35 5.73 -18.05
N VAL B 154 26.22 5.49 -17.08
CA VAL B 154 26.75 4.15 -16.88
C VAL B 154 25.74 3.23 -16.17
N ASN B 155 25.01 3.79 -15.19
CA ASN B 155 24.05 3.01 -14.40
C ASN B 155 22.64 2.89 -15.00
N GLY B 156 22.43 3.54 -16.14
CA GLY B 156 21.18 3.43 -16.88
C GLY B 156 20.05 4.36 -16.45
N ALA B 157 20.37 5.39 -15.65
CA ALA B 157 19.37 6.40 -15.28
C ALA B 157 18.96 7.25 -16.49
N GLY B 158 19.87 7.40 -17.45
CA GLY B 158 19.55 8.02 -18.73
C GLY B 158 20.00 9.46 -18.93
N PHE B 159 19.93 9.90 -20.18
CA PHE B 159 20.36 11.24 -20.57
C PHE B 159 19.64 12.36 -19.82
N GLY B 160 18.36 12.17 -19.51
CA GLY B 160 17.58 13.21 -18.82
C GLY B 160 18.24 13.72 -17.55
N GLU B 161 18.85 12.83 -16.77
CA GLU B 161 19.49 13.23 -15.52
C GLU B 161 20.74 14.06 -15.77
N THR B 162 21.34 13.90 -16.95
CA THR B 162 22.51 14.75 -17.30
C THR B 162 22.07 16.17 -17.63
N ILE B 163 20.89 16.33 -18.24
CA ILE B 163 20.31 17.67 -18.44
C ILE B 163 20.13 18.34 -17.08
N ARG B 164 19.53 17.63 -16.13
CA ARG B 164 19.26 18.20 -14.82
C ARG B 164 20.56 18.68 -14.16
N SER B 165 21.58 17.84 -14.21
CA SER B 165 22.84 18.15 -13.53
C SER B 165 23.67 19.23 -14.25
N ILE B 166 23.52 19.33 -15.56
CA ILE B 166 24.29 20.32 -16.32
C ILE B 166 23.40 21.53 -16.61
N ASN B 167 23.29 22.42 -15.63
CA ASN B 167 22.57 23.66 -15.76
C ASN B 167 21.11 23.47 -16.25
N GLY B 168 20.42 22.51 -15.64
CA GLY B 168 19.07 22.18 -16.08
C GLY B 168 17.95 22.57 -15.13
N SER B 169 18.28 23.29 -14.07
CA SER B 169 17.30 23.60 -13.01
C SER B 169 16.10 24.42 -13.47
N LEU B 170 16.29 25.27 -14.47
CA LEU B 170 15.19 26.09 -15.01
C LEU B 170 14.54 25.44 -16.23
N GLU B 171 15.00 24.24 -16.57
CA GLU B 171 14.53 23.57 -17.80
C GLU B 171 13.74 22.28 -17.51
N CYS B 172 14.25 21.48 -16.57
CA CYS B 172 13.58 20.25 -16.15
C CYS B 172 12.25 20.55 -15.44
N ASP B 173 11.49 19.50 -15.17
CA ASP B 173 10.23 19.59 -14.42
C ASP B 173 9.16 20.40 -15.17
N GLY B 174 9.34 20.58 -16.48
CA GLY B 174 8.41 21.37 -17.30
C GLY B 174 8.78 22.85 -17.39
N GLY B 175 9.92 23.21 -16.82
CA GLY B 175 10.36 24.61 -16.79
C GLY B 175 10.58 25.23 -18.16
N ASN B 176 11.16 24.45 -19.07
CA ASN B 176 11.45 24.93 -20.42
C ASN B 176 11.45 23.77 -21.42
N PRO B 177 10.26 23.36 -21.87
CA PRO B 177 10.12 22.23 -22.76
C PRO B 177 10.93 22.37 -24.05
N GLY B 178 11.01 23.58 -24.61
CA GLY B 178 11.79 23.81 -25.82
C GLY B 178 13.27 23.54 -25.61
N GLN B 179 13.83 24.00 -24.50
CA GLN B 179 15.27 23.72 -24.26
C GLN B 179 15.52 22.24 -24.01
N VAL B 180 14.67 21.57 -23.24
CA VAL B 180 14.84 20.13 -23.01
C VAL B 180 14.76 19.38 -24.34
N GLN B 181 13.79 19.72 -25.17
CA GLN B 181 13.67 19.05 -26.48
C GLN B 181 14.93 19.30 -27.33
N SER B 182 15.43 20.54 -27.30
CA SER B 182 16.63 20.88 -28.08
C SER B 182 17.83 20.06 -27.64
N ARG B 183 17.96 19.87 -26.32
CA ARG B 183 19.06 19.09 -25.77
C ARG B 183 18.93 17.60 -26.13
N ILE B 184 17.73 17.04 -26.00
CA ILE B 184 17.48 15.67 -26.40
C ILE B 184 17.80 15.47 -27.87
N ASP B 185 17.30 16.38 -28.72
CA ASP B 185 17.56 16.28 -30.19
C ASP B 185 19.05 16.24 -30.50
N ASN B 186 19.83 17.08 -29.81
CA ASN B 186 21.28 17.10 -30.02
C ASN B 186 21.91 15.77 -29.63
N TYR B 187 21.49 15.22 -28.50
CA TYR B 187 21.99 13.91 -28.04
C TYR B 187 21.63 12.83 -29.06
N GLU B 188 20.40 12.85 -29.56
CA GLU B 188 19.97 11.87 -30.57
C GLU B 188 20.82 11.97 -31.83
N ARG B 189 21.13 13.19 -32.26
CA ARG B 189 21.97 13.37 -33.43
C ARG B 189 23.38 12.84 -33.19
N PHE B 190 23.93 13.11 -32.00
CA PHE B 190 25.27 12.64 -31.66
C PHE B 190 25.35 11.12 -31.54
N THR B 191 24.37 10.47 -30.92
CA THR B 191 24.37 9.00 -30.88
C THR B 191 24.20 8.40 -32.28
N GLN B 192 23.34 9.01 -33.10
CA GLN B 192 23.19 8.57 -34.50
C GLN B 192 24.52 8.63 -35.25
N LEU B 193 25.23 9.73 -35.06
CA LEU B 193 26.56 9.95 -35.63
C LEU B 193 27.54 8.82 -35.26
N LEU B 194 27.53 8.43 -33.98
CA LEU B 194 28.41 7.37 -33.44
C LEU B 194 27.88 5.96 -33.67
N GLY B 195 26.73 5.85 -34.33
CA GLY B 195 26.12 4.57 -34.70
C GLY B 195 25.48 3.77 -33.57
N VAL B 196 25.03 4.45 -32.53
CA VAL B 196 24.38 3.80 -31.38
C VAL B 196 23.00 4.35 -31.09
N GLU B 197 22.20 3.56 -30.40
CA GLU B 197 20.89 3.95 -29.92
C GLU B 197 21.04 4.94 -28.76
N PRO B 198 20.09 5.87 -28.61
CA PRO B 198 20.19 6.85 -27.52
C PRO B 198 19.92 6.30 -26.11
N GLY B 199 19.27 5.15 -26.00
CA GLY B 199 18.88 4.63 -24.68
C GLY B 199 17.60 5.27 -24.19
N GLY B 200 17.23 4.98 -22.95
CA GLY B 200 15.96 5.47 -22.39
C GLY B 200 16.06 6.69 -21.49
N ASN B 201 14.90 7.12 -20.99
CA ASN B 201 14.81 8.21 -20.03
C ASN B 201 15.58 9.45 -20.49
N LEU B 202 15.25 9.89 -21.70
CA LEU B 202 15.90 11.05 -22.32
C LEU B 202 15.47 12.38 -21.74
N SER B 203 14.23 12.44 -21.24
CA SER B 203 13.66 13.71 -20.78
C SER B 203 13.87 13.96 -19.29
N CYS B 204 13.63 15.21 -18.88
CA CYS B 204 13.52 15.58 -17.46
C CYS B 204 12.47 16.67 -17.32
#